data_9L6Z
#
_entry.id   9L6Z
#
_cell.length_a   33.800
_cell.length_b   54.270
_cell.length_c   54.866
_cell.angle_alpha   90.00
_cell.angle_beta   93.97
_cell.angle_gamma   90.00
#
_symmetry.space_group_name_H-M   'P 1 21 1'
#
loop_
_entity.id
_entity.type
_entity.pdbx_description
1 polymer 'Large ribosomal subunit protein eL8'
2 non-polymer 'SODIUM ION'
3 water water
#
_entity_poly.entity_id   1
_entity_poly.type   'polypeptide(L)'
_entity_poly.pdbx_seq_one_letter_code
;SYVRFEVPEDMQNEALSLLEKVRESGKVKKGTNSTTLAVSRGLAKLVYIAEDVDPPEIVAHLPLLCEEKNVPYIYVKSKN
DLGRAVGRVYPGASAAIINEGELRKELGSLVEKIKGLQK
;
_entity_poly.pdbx_strand_id   A,B
#
loop_
_chem_comp.id
_chem_comp.type
_chem_comp.name
_chem_comp.formula
NA non-polymer 'SODIUM ION' 'Na 1'
#
# COMPACT_ATOMS: atom_id res chain seq x y z
N SER A 1 14.42 -2.66 -14.45
CA SER A 1 14.44 -3.93 -15.18
C SER A 1 13.10 -4.17 -15.89
N TYR A 2 12.01 -4.22 -15.13
CA TYR A 2 10.67 -4.30 -15.69
C TYR A 2 10.27 -2.89 -16.15
N VAL A 3 10.23 -2.67 -17.46
CA VAL A 3 9.89 -1.35 -18.00
C VAL A 3 8.38 -1.33 -18.11
N ARG A 4 7.74 -1.05 -16.97
CA ARG A 4 6.32 -1.36 -16.81
C ARG A 4 5.43 -0.54 -17.72
N PHE A 5 5.88 0.63 -18.18
CA PHE A 5 5.01 1.46 -19.01
C PHE A 5 5.22 1.22 -20.49
N GLU A 6 6.00 0.18 -20.84
CA GLU A 6 6.21 -0.19 -22.23
C GLU A 6 5.72 -1.61 -22.50
N VAL A 7 4.87 -2.14 -21.64
CA VAL A 7 4.34 -3.49 -21.92
C VAL A 7 3.63 -3.48 -23.26
N PRO A 8 3.85 -4.47 -24.12
CA PRO A 8 3.18 -4.45 -25.43
C PRO A 8 1.66 -4.38 -25.31
N GLU A 9 1.05 -3.64 -26.23
CA GLU A 9 -0.40 -3.47 -26.22
C GLU A 9 -1.10 -4.82 -26.30
N ASP A 10 -0.64 -5.70 -27.19
CA ASP A 10 -1.29 -7.01 -27.32
C ASP A 10 -1.28 -7.77 -26.00
N MET A 11 -0.22 -7.62 -25.21
CA MET A 11 -0.16 -8.27 -23.90
C MET A 11 -1.18 -7.65 -22.93
N GLN A 12 -1.23 -6.32 -22.88
CA GLN A 12 -2.26 -5.62 -22.12
C GLN A 12 -3.66 -6.09 -22.52
N ASN A 13 -3.89 -6.25 -23.81
CA ASN A 13 -5.25 -6.56 -24.24
C ASN A 13 -5.58 -8.03 -24.01
N GLU A 14 -4.59 -8.91 -24.19
CA GLU A 14 -4.73 -10.31 -23.75
C GLU A 14 -5.08 -10.36 -22.27
N ALA A 15 -4.41 -9.53 -21.47
CA ALA A 15 -4.66 -9.50 -20.02
C ALA A 15 -6.09 -9.04 -19.72
N LEU A 16 -6.56 -7.97 -20.39
CA LEU A 16 -7.92 -7.49 -20.17
C LEU A 16 -8.95 -8.52 -20.61
N SER A 17 -8.70 -9.20 -21.73
CA SER A 17 -9.60 -10.27 -22.14
C SER A 17 -9.67 -11.37 -21.09
N LEU A 18 -8.53 -11.80 -20.57
CA LEU A 18 -8.52 -12.82 -19.54
C LEU A 18 -9.31 -12.38 -18.32
N LEU A 19 -9.08 -11.14 -17.85
CA LEU A 19 -9.75 -10.66 -16.65
C LEU A 19 -11.27 -10.69 -16.82
N GLU A 20 -11.76 -10.28 -18.00
CA GLU A 20 -13.20 -10.27 -18.23
C GLU A 20 -13.77 -11.69 -18.24
N LYS A 21 -13.00 -12.64 -18.78
CA LYS A 21 -13.49 -14.01 -18.83
C LYS A 21 -13.43 -14.69 -17.46
N VAL A 22 -12.40 -14.35 -16.67
CA VAL A 22 -12.20 -14.99 -15.37
C VAL A 22 -13.31 -14.62 -14.40
N ARG A 23 -13.88 -13.41 -14.52
CA ARG A 23 -15.03 -13.03 -13.71
CA ARG A 23 -15.01 -13.04 -13.68
C ARG A 23 -16.06 -14.14 -13.64
N GLU A 24 -16.21 -14.90 -14.72
CA GLU A 24 -17.28 -15.88 -14.85
C GLU A 24 -16.96 -17.19 -14.14
N SER A 25 -15.74 -17.72 -14.28
CA SER A 25 -15.42 -19.01 -13.70
C SER A 25 -14.48 -18.93 -12.50
N GLY A 26 -13.83 -17.80 -12.29
CA GLY A 26 -12.88 -17.72 -11.20
C GLY A 26 -13.24 -16.69 -10.15
N LYS A 27 -12.22 -16.07 -9.55
CA LYS A 27 -12.40 -15.08 -8.49
C LYS A 27 -11.50 -13.89 -8.76
N VAL A 28 -12.08 -12.68 -8.70
CA VAL A 28 -11.33 -11.45 -8.91
C VAL A 28 -11.61 -10.47 -7.77
N LYS A 29 -10.67 -9.56 -7.57
CA LYS A 29 -10.86 -8.42 -6.67
C LYS A 29 -10.93 -7.18 -7.54
N LYS A 30 -11.98 -6.37 -7.35
CA LYS A 30 -12.31 -5.30 -8.29
C LYS A 30 -11.97 -3.91 -7.80
N GLY A 31 -11.32 -3.76 -6.65
CA GLY A 31 -11.00 -2.45 -6.13
C GLY A 31 -9.59 -2.40 -5.59
N THR A 32 -9.10 -1.18 -5.34
CA THR A 32 -7.72 -1.02 -4.90
C THR A 32 -7.50 -1.57 -3.50
N ASN A 33 -8.43 -1.31 -2.57
CA ASN A 33 -8.24 -1.82 -1.21
C ASN A 33 -8.24 -3.35 -1.19
N SER A 34 -9.16 -3.98 -1.92
CA SER A 34 -9.22 -5.44 -1.90
C SER A 34 -8.04 -6.04 -2.66
N THR A 35 -7.63 -5.40 -3.75
CA THR A 35 -6.42 -5.82 -4.45
C THR A 35 -5.21 -5.75 -3.54
N THR A 36 -5.09 -4.65 -2.78
CA THR A 36 -3.95 -4.49 -1.87
C THR A 36 -3.91 -5.60 -0.83
N LEU A 37 -5.05 -5.92 -0.22
CA LEU A 37 -5.07 -7.01 0.76
C LEU A 37 -4.66 -8.32 0.11
N ALA A 38 -5.17 -8.59 -1.09
CA ALA A 38 -4.82 -9.83 -1.79
C ALA A 38 -3.31 -9.92 -2.04
N VAL A 39 -2.68 -8.81 -2.43
CA VAL A 39 -1.23 -8.79 -2.62
C VAL A 39 -0.53 -9.06 -1.30
N SER A 40 -0.95 -8.36 -0.25
CA SER A 40 -0.33 -8.54 1.06
C SER A 40 -0.42 -9.99 1.53
N ARG A 41 -1.51 -10.67 1.20
CA ARG A 41 -1.75 -12.03 1.63
C ARG A 41 -1.12 -13.06 0.70
N GLY A 42 -0.47 -12.60 -0.38
CA GLY A 42 0.10 -13.54 -1.33
C GLY A 42 -0.91 -14.30 -2.14
N LEU A 43 -2.14 -13.78 -2.23
CA LEU A 43 -3.23 -14.45 -2.94
C LEU A 43 -3.45 -13.94 -4.34
N ALA A 44 -2.91 -12.77 -4.69
CA ALA A 44 -3.05 -12.23 -6.03
C ALA A 44 -2.14 -13.00 -6.99
N LYS A 45 -2.74 -13.57 -8.04
CA LYS A 45 -1.97 -14.23 -9.08
C LYS A 45 -1.52 -13.25 -10.16
N LEU A 46 -2.28 -12.16 -10.34
CA LEU A 46 -1.97 -11.15 -11.33
C LEU A 46 -2.71 -9.89 -10.94
N VAL A 47 -2.00 -8.77 -10.90
CA VAL A 47 -2.55 -7.48 -10.52
C VAL A 47 -2.58 -6.55 -11.74
N TYR A 48 -3.69 -5.85 -11.90
CA TYR A 48 -3.90 -4.90 -12.97
C TYR A 48 -3.89 -3.50 -12.38
N ILE A 49 -3.25 -2.55 -13.07
CA ILE A 49 -3.26 -1.15 -12.67
C ILE A 49 -3.51 -0.29 -13.90
N ALA A 50 -4.44 0.65 -13.82
CA ALA A 50 -4.70 1.54 -14.94
C ALA A 50 -3.70 2.69 -14.96
N GLU A 51 -3.15 3.00 -16.14
CA GLU A 51 -2.15 4.07 -16.18
C GLU A 51 -2.75 5.47 -16.02
N ASP A 52 -4.04 5.64 -16.29
CA ASP A 52 -4.61 6.98 -16.29
C ASP A 52 -5.56 7.20 -15.11
N VAL A 53 -5.37 6.47 -14.01
CA VAL A 53 -6.16 6.73 -12.80
C VAL A 53 -5.92 8.15 -12.33
N ASP A 54 -6.97 8.81 -11.86
CA ASP A 54 -6.82 10.13 -11.26
C ASP A 54 -7.26 10.10 -9.81
N PRO A 55 -6.38 10.36 -8.84
CA PRO A 55 -4.95 10.64 -9.03
C PRO A 55 -4.13 9.36 -9.08
N PRO A 56 -3.00 9.39 -9.78
CA PRO A 56 -2.09 8.22 -9.79
C PRO A 56 -1.64 7.80 -8.40
N GLU A 57 -1.67 8.71 -7.42
CA GLU A 57 -1.20 8.38 -6.09
C GLU A 57 -2.04 7.29 -5.41
N ILE A 58 -3.28 7.06 -5.86
CA ILE A 58 -4.11 6.08 -5.17
CA ILE A 58 -4.13 6.08 -5.20
C ILE A 58 -3.63 4.66 -5.42
N VAL A 59 -2.85 4.42 -6.48
CA VAL A 59 -2.33 3.09 -6.76
C VAL A 59 -0.81 3.03 -6.72
N ALA A 60 -0.15 4.10 -6.27
CA ALA A 60 1.31 4.18 -6.32
C ALA A 60 1.98 3.11 -5.46
N HIS A 61 1.33 2.65 -4.40
CA HIS A 61 1.86 1.60 -3.54
C HIS A 61 1.80 0.22 -4.19
N LEU A 62 1.00 0.02 -5.25
CA LEU A 62 0.82 -1.33 -5.77
C LEU A 62 2.08 -1.87 -6.43
N PRO A 63 2.74 -1.17 -7.36
CA PRO A 63 3.99 -1.72 -7.93
C PRO A 63 4.98 -2.05 -6.84
N LEU A 64 5.08 -1.17 -5.85
CA LEU A 64 5.97 -1.38 -4.71
CA LEU A 64 6.00 -1.38 -4.73
C LEU A 64 5.71 -2.71 -4.03
N LEU A 65 4.46 -2.95 -3.65
CA LEU A 65 4.10 -4.15 -2.91
C LEU A 65 4.17 -5.40 -3.79
N CYS A 66 3.80 -5.27 -5.06
CA CYS A 66 3.87 -6.43 -5.95
C CYS A 66 5.31 -6.92 -6.11
N GLU A 67 6.25 -5.99 -6.30
CA GLU A 67 7.65 -6.37 -6.45
C GLU A 67 8.18 -6.92 -5.13
N GLU A 68 7.75 -6.34 -4.02
CA GLU A 68 8.07 -6.87 -2.70
C GLU A 68 7.56 -8.30 -2.52
N LYS A 69 6.34 -8.60 -2.97
CA LYS A 69 5.74 -9.91 -2.70
C LYS A 69 5.85 -10.88 -3.87
N ASN A 70 6.62 -10.54 -4.91
CA ASN A 70 6.78 -11.39 -6.09
C ASN A 70 5.46 -11.66 -6.80
N VAL A 71 4.60 -10.66 -6.87
CA VAL A 71 3.29 -10.77 -7.54
C VAL A 71 3.42 -10.16 -8.92
N PRO A 72 3.10 -10.87 -9.99
CA PRO A 72 3.09 -10.25 -11.33
C PRO A 72 2.07 -9.12 -11.39
N TYR A 73 2.44 -8.02 -12.07
CA TYR A 73 1.47 -6.96 -12.28
C TYR A 73 1.66 -6.37 -13.67
N ILE A 74 0.61 -5.74 -14.17
CA ILE A 74 0.62 -5.17 -15.52
C ILE A 74 -0.17 -3.86 -15.53
N TYR A 75 0.46 -2.81 -16.05
CA TYR A 75 -0.26 -1.57 -16.31
C TYR A 75 -1.01 -1.67 -17.61
N VAL A 76 -2.24 -1.19 -17.61
CA VAL A 76 -3.03 -1.12 -18.82
C VAL A 76 -3.33 0.35 -19.10
N LYS A 77 -3.38 0.68 -20.40
CA LYS A 77 -3.44 2.08 -20.81
C LYS A 77 -4.65 2.80 -20.21
N SER A 78 -5.81 2.14 -20.14
CA SER A 78 -7.07 2.86 -19.95
C SER A 78 -7.84 2.32 -18.76
N LYS A 79 -8.15 3.20 -17.81
CA LYS A 79 -9.03 2.83 -16.71
C LYS A 79 -10.42 2.45 -17.19
N ASN A 80 -10.84 2.96 -18.35
CA ASN A 80 -12.16 2.58 -18.85
C ASN A 80 -12.15 1.13 -19.34
N ASP A 81 -11.08 0.72 -20.03
CA ASP A 81 -10.91 -0.68 -20.42
C ASP A 81 -10.93 -1.59 -19.19
N LEU A 82 -10.16 -1.20 -18.17
CA LEU A 82 -10.08 -2.01 -16.95
C LEU A 82 -11.45 -2.13 -16.28
N GLY A 83 -12.17 -1.00 -16.16
CA GLY A 83 -13.48 -1.04 -15.56
C GLY A 83 -14.46 -1.92 -16.32
N ARG A 84 -14.43 -1.86 -17.65
CA ARG A 84 -15.26 -2.76 -18.43
C ARG A 84 -14.90 -4.22 -18.18
N ALA A 85 -13.59 -4.52 -18.12
CA ALA A 85 -13.15 -5.90 -17.91
C ALA A 85 -13.69 -6.48 -16.61
N VAL A 86 -13.73 -5.69 -15.53
CA VAL A 86 -14.26 -6.17 -14.25
C VAL A 86 -15.74 -5.90 -14.07
N GLY A 87 -16.41 -5.29 -15.05
CA GLY A 87 -17.85 -5.08 -14.98
C GLY A 87 -18.28 -3.86 -14.21
N ARG A 88 -17.37 -2.94 -13.93
CA ARG A 88 -17.71 -1.73 -13.18
CA ARG A 88 -17.70 -1.73 -13.18
C ARG A 88 -18.35 -0.70 -14.08
N VAL A 89 -19.34 0.00 -13.53
CA VAL A 89 -19.93 1.14 -14.21
C VAL A 89 -18.95 2.32 -14.22
N TYR A 90 -18.12 2.45 -13.20
CA TYR A 90 -17.18 3.56 -13.16
C TYR A 90 -15.75 3.07 -13.35
N PRO A 91 -14.87 3.94 -13.84
CA PRO A 91 -13.50 3.51 -14.17
C PRO A 91 -12.83 2.73 -13.05
N GLY A 92 -12.08 1.71 -13.42
CA GLY A 92 -11.28 1.00 -12.46
C GLY A 92 -9.96 1.69 -12.19
N ALA A 93 -9.41 1.43 -11.01
CA ALA A 93 -8.03 1.81 -10.72
C ALA A 93 -7.09 0.62 -10.69
N SER A 94 -7.54 -0.48 -10.10
CA SER A 94 -6.74 -1.70 -10.06
C SER A 94 -7.68 -2.87 -9.85
N ALA A 95 -7.12 -4.07 -10.02
CA ALA A 95 -7.87 -5.31 -9.83
C ALA A 95 -6.86 -6.43 -9.70
N ALA A 96 -7.35 -7.61 -9.30
CA ALA A 96 -6.46 -8.75 -9.20
C ALA A 96 -7.23 -10.02 -9.50
N ILE A 97 -6.53 -10.96 -10.12
CA ILE A 97 -7.02 -12.32 -10.27
C ILE A 97 -6.57 -13.14 -9.07
N ILE A 98 -7.54 -13.69 -8.35
CA ILE A 98 -7.29 -14.61 -7.23
C ILE A 98 -7.31 -16.07 -7.70
N ASN A 99 -8.29 -16.42 -8.51
CA ASN A 99 -8.40 -17.77 -9.04
C ASN A 99 -8.91 -17.68 -10.46
N GLU A 100 -8.21 -18.34 -11.38
CA GLU A 100 -8.54 -18.22 -12.80
C GLU A 100 -9.60 -19.22 -13.23
N GLY A 101 -10.09 -20.04 -12.31
CA GLY A 101 -11.13 -21.00 -12.64
C GLY A 101 -10.65 -21.92 -13.75
N GLU A 102 -11.41 -21.97 -14.85
CA GLU A 102 -11.08 -22.86 -15.96
CA GLU A 102 -11.11 -22.84 -15.98
C GLU A 102 -10.08 -22.25 -16.94
N LEU A 103 -9.65 -21.01 -16.75
CA LEU A 103 -8.71 -20.37 -17.67
C LEU A 103 -7.26 -20.61 -17.26
N ARG A 104 -6.91 -21.84 -16.88
CA ARG A 104 -5.52 -22.17 -16.40
C ARG A 104 -4.52 -21.88 -17.52
N LYS A 105 -4.70 -22.50 -18.69
CA LYS A 105 -3.98 -22.09 -19.90
C LYS A 105 -3.69 -20.60 -19.98
N GLU A 106 -4.76 -19.80 -20.01
CA GLU A 106 -4.63 -18.41 -20.37
C GLU A 106 -3.94 -17.60 -19.28
N LEU A 107 -4.24 -17.89 -18.02
CA LEU A 107 -3.49 -17.22 -16.96
C LEU A 107 -2.03 -17.65 -16.95
N GLY A 108 -1.78 -18.95 -17.09
CA GLY A 108 -0.41 -19.44 -17.04
C GLY A 108 0.46 -18.87 -18.14
N SER A 109 -0.05 -18.82 -19.37
CA SER A 109 0.74 -18.28 -20.47
CA SER A 109 0.73 -18.28 -20.48
C SER A 109 0.96 -16.79 -20.31
N LEU A 110 -0.08 -16.04 -19.89
CA LEU A 110 0.08 -14.60 -19.71
C LEU A 110 1.10 -14.29 -18.63
N VAL A 111 1.02 -14.98 -17.49
CA VAL A 111 1.95 -14.70 -16.39
C VAL A 111 3.39 -14.99 -16.81
N GLU A 112 3.61 -16.05 -17.59
CA GLU A 112 4.95 -16.32 -18.09
C GLU A 112 5.42 -15.23 -19.05
N LYS A 113 4.54 -14.73 -19.92
CA LYS A 113 4.94 -13.63 -20.80
C LYS A 113 5.31 -12.39 -20.00
N ILE A 114 4.56 -12.10 -18.92
CA ILE A 114 4.86 -10.90 -18.13
C ILE A 114 6.20 -11.07 -17.41
N LYS A 115 6.46 -12.27 -16.87
CA LYS A 115 7.77 -12.52 -16.27
CA LYS A 115 7.77 -12.51 -16.27
C LYS A 115 8.89 -12.42 -17.29
N GLY A 116 8.60 -12.72 -18.56
CA GLY A 116 9.62 -12.58 -19.60
C GLY A 116 10.06 -11.15 -19.84
N LEU A 117 9.26 -10.19 -19.36
CA LEU A 117 9.60 -8.78 -19.49
C LEU A 117 10.58 -8.31 -18.42
N GLN A 118 11.03 -9.18 -17.53
CA GLN A 118 11.84 -8.77 -16.39
C GLN A 118 13.25 -9.32 -16.51
N LYS A 119 14.11 -8.86 -15.60
CA LYS A 119 15.51 -9.25 -15.53
C LYS A 119 16.25 -8.92 -16.83
N SER B 1 -10.41 11.38 4.45
CA SER B 1 -11.24 10.19 4.36
C SER B 1 -10.44 8.92 4.62
N TYR B 2 -9.18 9.10 5.07
CA TYR B 2 -8.36 7.98 5.54
C TYR B 2 -8.17 7.99 7.06
N VAL B 3 -8.81 8.90 7.78
CA VAL B 3 -8.65 9.00 9.23
C VAL B 3 -9.68 8.10 9.89
N ARG B 4 -9.22 7.00 10.48
CA ARG B 4 -10.09 5.91 10.91
C ARG B 4 -10.43 5.96 12.40
N PHE B 5 -9.73 6.80 13.18
CA PHE B 5 -10.08 6.98 14.58
C PHE B 5 -9.48 8.29 15.06
N GLU B 6 -10.09 8.88 16.09
CA GLU B 6 -9.61 10.15 16.62
C GLU B 6 -8.56 9.91 17.71
N VAL B 7 -7.42 10.57 17.56
CA VAL B 7 -6.32 10.47 18.51
C VAL B 7 -6.36 11.71 19.40
N PRO B 8 -6.48 11.58 20.72
CA PRO B 8 -6.42 12.76 21.58
C PRO B 8 -5.15 13.56 21.33
N GLU B 9 -5.25 14.88 21.46
CA GLU B 9 -4.13 15.70 21.05
C GLU B 9 -2.92 15.49 21.97
N ASP B 10 -3.13 15.19 23.26
CA ASP B 10 -1.97 14.97 24.12
C ASP B 10 -1.17 13.73 23.69
N MET B 11 -1.85 12.66 23.24
CA MET B 11 -1.10 11.51 22.74
C MET B 11 -0.42 11.80 21.41
N GLN B 12 -1.03 12.61 20.53
CA GLN B 12 -0.31 13.01 19.32
C GLN B 12 1.01 13.67 19.67
N ASN B 13 0.96 14.60 20.62
CA ASN B 13 2.16 15.36 20.97
C ASN B 13 3.17 14.49 21.69
N GLU B 14 2.70 13.59 22.57
CA GLU B 14 3.55 12.59 23.19
C GLU B 14 4.20 11.69 22.14
N ALA B 15 3.43 11.28 21.13
CA ALA B 15 3.98 10.46 20.06
C ALA B 15 5.02 11.21 19.24
N LEU B 16 4.78 12.48 18.96
CA LEU B 16 5.73 13.24 18.15
C LEU B 16 7.02 13.50 18.93
N SER B 17 6.90 13.76 20.23
CA SER B 17 8.09 13.94 21.05
CA SER B 17 8.09 13.94 21.06
C SER B 17 8.95 12.68 21.11
N LEU B 18 8.30 11.52 21.24
CA LEU B 18 9.05 10.27 21.23
C LEU B 18 9.73 10.04 19.88
N LEU B 19 9.03 10.34 18.79
CA LEU B 19 9.65 10.18 17.47
C LEU B 19 10.91 11.02 17.33
N GLU B 20 10.88 12.28 17.79
CA GLU B 20 12.10 13.08 17.76
CA GLU B 20 12.09 13.09 17.78
C GLU B 20 13.22 12.41 18.55
N LYS B 21 12.89 11.83 19.71
CA LYS B 21 13.92 11.20 20.53
C LYS B 21 14.45 9.91 19.90
N VAL B 22 13.58 9.11 19.25
CA VAL B 22 14.03 7.85 18.68
C VAL B 22 15.12 8.04 17.63
N ARG B 23 15.19 9.21 16.99
CA ARG B 23 16.11 9.38 15.86
C ARG B 23 17.57 9.16 16.29
N GLU B 24 17.98 9.78 17.39
CA GLU B 24 19.38 9.63 17.81
C GLU B 24 19.66 8.19 18.21
N SER B 25 18.75 7.59 18.97
CA SER B 25 19.00 6.27 19.54
C SER B 25 18.69 5.16 18.54
N GLY B 26 17.65 5.32 17.73
CA GLY B 26 17.19 4.22 16.92
C GLY B 26 17.14 4.48 15.42
N LYS B 27 16.12 3.96 14.75
CA LYS B 27 16.02 4.02 13.30
C LYS B 27 14.61 4.37 12.90
N VAL B 28 14.45 5.37 12.04
CA VAL B 28 13.14 5.79 11.56
C VAL B 28 13.17 5.75 10.03
N LYS B 29 12.15 5.16 9.43
CA LYS B 29 11.93 5.26 8.00
C LYS B 29 11.06 6.47 7.71
N LYS B 30 11.45 7.27 6.73
CA LYS B 30 10.72 8.48 6.39
C LYS B 30 10.07 8.37 5.02
N GLY B 31 8.81 8.77 4.94
CA GLY B 31 8.13 8.80 3.66
C GLY B 31 7.27 7.57 3.44
N THR B 32 6.32 7.73 2.53
CA THR B 32 5.26 6.73 2.44
C THR B 32 5.74 5.41 1.85
N ASN B 33 6.59 5.46 0.81
CA ASN B 33 7.07 4.22 0.22
C ASN B 33 7.87 3.40 1.23
N SER B 34 8.79 4.05 1.95
CA SER B 34 9.61 3.33 2.91
CA SER B 34 9.62 3.34 2.91
C SER B 34 8.78 2.87 4.11
N THR B 35 7.82 3.68 4.53
CA THR B 35 6.92 3.26 5.61
C THR B 35 6.13 2.04 5.17
N THR B 36 5.58 2.07 3.96
CA THR B 36 4.85 0.92 3.43
C THR B 36 5.72 -0.34 3.42
N LEU B 37 6.96 -0.22 2.94
CA LEU B 37 7.82 -1.39 2.88
C LEU B 37 8.10 -1.93 4.28
N ALA B 38 8.31 -1.03 5.25
CA ALA B 38 8.58 -1.44 6.62
C ALA B 38 7.39 -2.18 7.22
N VAL B 39 6.18 -1.71 6.92
CA VAL B 39 4.96 -2.38 7.37
C VAL B 39 4.87 -3.76 6.72
N SER B 40 5.05 -3.81 5.41
CA SER B 40 5.00 -5.07 4.68
C SER B 40 6.00 -6.08 5.24
N ARG B 41 7.21 -5.63 5.58
CA ARG B 41 8.23 -6.52 6.11
C ARG B 41 8.04 -6.84 7.58
N GLY B 42 7.03 -6.28 8.25
CA GLY B 42 6.88 -6.52 9.66
C GLY B 42 7.96 -5.92 10.53
N LEU B 43 8.66 -4.90 10.05
CA LEU B 43 9.66 -4.23 10.86
C LEU B 43 9.16 -2.96 11.53
N ALA B 44 8.01 -2.45 11.08
CA ALA B 44 7.48 -1.20 11.63
C ALA B 44 6.96 -1.46 13.04
N LYS B 45 7.51 -0.75 14.02
CA LYS B 45 7.00 -0.87 15.39
C LYS B 45 5.89 0.13 15.68
N LEU B 46 5.93 1.29 15.03
CA LEU B 46 4.87 2.28 15.15
C LEU B 46 4.89 3.15 13.90
N VAL B 47 3.72 3.37 13.28
CA VAL B 47 3.61 4.16 12.06
C VAL B 47 2.92 5.48 12.37
N TYR B 48 3.46 6.57 11.80
CA TYR B 48 2.89 7.90 11.90
C TYR B 48 2.30 8.30 10.55
N ILE B 49 1.10 8.88 10.57
CA ILE B 49 0.43 9.37 9.36
C ILE B 49 -0.15 10.76 9.64
N ALA B 50 0.26 11.75 8.84
CA ALA B 50 -0.28 13.09 8.99
C ALA B 50 -1.70 13.15 8.43
N GLU B 51 -2.55 13.97 9.07
CA GLU B 51 -3.95 14.07 8.66
C GLU B 51 -4.18 15.06 7.51
N ASP B 52 -3.16 15.81 7.10
CA ASP B 52 -3.31 16.84 6.07
C ASP B 52 -2.39 16.60 4.88
N VAL B 53 -2.16 15.32 4.54
CA VAL B 53 -1.32 14.98 3.39
C VAL B 53 -1.96 15.41 2.09
N ASP B 54 -1.14 15.91 1.16
CA ASP B 54 -1.61 16.36 -0.16
C ASP B 54 -0.89 15.60 -1.26
N PRO B 55 -1.57 14.76 -2.06
CA PRO B 55 -2.99 14.40 -1.99
C PRO B 55 -3.26 13.33 -0.93
N PRO B 56 -4.43 13.33 -0.29
CA PRO B 56 -4.71 12.31 0.72
C PRO B 56 -4.62 10.91 0.18
N GLU B 57 -4.78 10.71 -1.13
CA GLU B 57 -4.77 9.37 -1.70
C GLU B 57 -3.42 8.67 -1.53
N ILE B 58 -2.32 9.41 -1.34
CA ILE B 58 -1.01 8.77 -1.28
C ILE B 58 -0.85 7.95 0.01
N VAL B 59 -1.60 8.28 1.07
CA VAL B 59 -1.51 7.50 2.31
C VAL B 59 -2.78 6.70 2.57
N ALA B 60 -3.75 6.70 1.65
CA ALA B 60 -5.02 6.02 1.92
C ALA B 60 -4.84 4.53 2.18
N HIS B 61 -3.81 3.91 1.58
CA HIS B 61 -3.60 2.49 1.76
C HIS B 61 -3.00 2.16 3.12
N LEU B 62 -2.44 3.15 3.84
CA LEU B 62 -1.57 2.83 4.96
C LEU B 62 -2.31 2.34 6.19
N PRO B 63 -3.38 2.99 6.67
CA PRO B 63 -4.09 2.44 7.84
C PRO B 63 -4.58 1.03 7.59
N LEU B 64 -5.05 0.76 6.36
CA LEU B 64 -5.58 -0.55 6.06
C LEU B 64 -4.48 -1.60 6.04
N LEU B 65 -3.31 -1.26 5.48
CA LEU B 65 -2.18 -2.18 5.51
C LEU B 65 -1.65 -2.39 6.92
N CYS B 66 -1.61 -1.32 7.73
CA CYS B 66 -1.16 -1.47 9.12
C CYS B 66 -2.09 -2.41 9.88
N GLU B 67 -3.40 -2.25 9.69
CA GLU B 67 -4.34 -3.14 10.38
C GLU B 67 -4.17 -4.58 9.94
N GLU B 68 -3.92 -4.80 8.64
CA GLU B 68 -3.71 -6.16 8.16
C GLU B 68 -2.47 -6.78 8.77
N LYS B 69 -1.42 -5.98 8.95
CA LYS B 69 -0.14 -6.48 9.44
C LYS B 69 0.02 -6.32 10.94
N ASN B 70 -1.05 -5.93 11.65
CA ASN B 70 -1.02 -5.79 13.11
C ASN B 70 0.09 -4.84 13.55
N VAL B 71 0.28 -3.78 12.78
CA VAL B 71 1.26 -2.73 13.07
C VAL B 71 0.51 -1.55 13.69
N PRO B 72 0.90 -1.08 14.88
CA PRO B 72 0.26 0.10 15.46
C PRO B 72 0.56 1.33 14.63
N TYR B 73 -0.45 2.20 14.50
CA TYR B 73 -0.26 3.47 13.82
C TYR B 73 -1.05 4.55 14.53
N ILE B 74 -0.65 5.78 14.30
CA ILE B 74 -1.24 6.94 14.98
C ILE B 74 -1.28 8.08 13.99
N TYR B 75 -2.39 8.82 13.99
CA TYR B 75 -2.51 10.02 13.20
C TYR B 75 -1.95 11.20 13.98
N VAL B 76 -1.27 12.10 13.27
CA VAL B 76 -0.91 13.40 13.81
C VAL B 76 -1.50 14.47 12.91
N LYS B 77 -1.95 15.56 13.49
CA LYS B 77 -2.69 16.55 12.68
C LYS B 77 -1.87 17.21 11.58
N SER B 78 -0.56 17.43 11.78
CA SER B 78 0.16 18.33 10.90
C SER B 78 1.36 17.62 10.28
N LYS B 79 1.40 17.57 8.96
CA LYS B 79 2.58 17.05 8.27
C LYS B 79 3.81 17.92 8.52
N ASN B 80 3.61 19.21 8.79
CA ASN B 80 4.75 20.04 9.13
C ASN B 80 5.36 19.61 10.45
N ASP B 81 4.51 19.29 11.43
CA ASP B 81 5.00 18.78 12.70
C ASP B 81 5.72 17.45 12.51
N LEU B 82 5.18 16.57 11.66
CA LEU B 82 5.77 15.25 11.45
C LEU B 82 7.15 15.38 10.80
N GLY B 83 7.28 16.28 9.83
CA GLY B 83 8.58 16.50 9.22
C GLY B 83 9.60 16.99 10.22
N ARG B 84 9.20 17.94 11.08
CA ARG B 84 10.13 18.45 12.09
C ARG B 84 10.53 17.33 13.04
N ALA B 85 9.57 16.47 13.40
CA ALA B 85 9.86 15.37 14.30
C ALA B 85 10.86 14.37 13.71
N VAL B 86 10.86 14.18 12.38
CA VAL B 86 11.85 13.27 11.79
C VAL B 86 13.11 14.03 11.39
N GLY B 87 13.19 15.29 11.79
CA GLY B 87 14.43 16.05 11.69
C GLY B 87 14.61 16.88 10.44
N ARG B 88 13.52 17.35 9.83
CA ARG B 88 13.51 17.95 8.51
C ARG B 88 12.76 19.27 8.56
N VAL B 89 13.18 20.24 7.74
CA VAL B 89 12.51 21.55 7.73
C VAL B 89 11.30 21.59 6.80
N TYR B 90 11.03 20.51 6.09
CA TYR B 90 9.91 20.36 5.18
C TYR B 90 8.95 19.31 5.69
N PRO B 91 7.72 19.24 5.17
CA PRO B 91 6.73 18.32 5.72
C PRO B 91 7.08 16.86 5.50
N GLY B 92 6.42 16.01 6.28
CA GLY B 92 6.51 14.58 6.14
C GLY B 92 5.11 14.00 6.21
N ALA B 93 4.77 13.13 5.25
CA ALA B 93 3.43 12.56 5.16
C ALA B 93 3.28 11.35 6.07
N SER B 94 4.34 10.56 6.21
CA SER B 94 4.26 9.37 7.05
C SER B 94 5.68 8.96 7.42
N ALA B 95 5.78 8.13 8.47
CA ALA B 95 7.06 7.65 8.96
C ALA B 95 6.82 6.38 9.76
N ALA B 96 7.88 5.61 9.95
CA ALA B 96 7.80 4.39 10.75
C ALA B 96 9.02 4.31 11.66
N ILE B 97 8.78 4.08 12.95
CA ILE B 97 9.87 3.69 13.83
C ILE B 97 10.20 2.22 13.58
N ILE B 98 11.45 1.95 13.22
CA ILE B 98 11.96 0.60 12.97
C ILE B 98 12.71 0.04 14.17
N ASN B 99 13.56 0.85 14.79
CA ASN B 99 14.33 0.45 15.96
C ASN B 99 14.17 1.57 16.98
N GLU B 100 13.69 1.22 18.17
CA GLU B 100 13.46 2.25 19.17
C GLU B 100 14.71 2.63 19.95
N GLY B 101 15.84 1.99 19.67
CA GLY B 101 17.05 2.23 20.45
C GLY B 101 16.77 2.09 21.94
N GLU B 102 17.17 3.09 22.71
CA GLU B 102 17.06 3.04 24.17
C GLU B 102 15.66 3.36 24.68
N LEU B 103 14.69 3.59 23.80
CA LEU B 103 13.35 4.00 24.21
C LEU B 103 12.36 2.86 24.14
N ARG B 104 12.80 1.65 24.50
CA ARG B 104 11.93 0.48 24.39
CA ARG B 104 11.94 0.47 24.41
C ARG B 104 10.70 0.62 25.27
N LYS B 105 10.90 0.97 26.55
CA LYS B 105 9.77 1.02 27.48
CA LYS B 105 9.78 1.02 27.48
C LYS B 105 8.84 2.18 27.18
N GLU B 106 9.39 3.34 26.79
CA GLU B 106 8.55 4.48 26.41
C GLU B 106 7.71 4.16 25.17
N LEU B 107 8.34 3.60 24.13
CA LEU B 107 7.55 3.15 22.98
C LEU B 107 6.50 2.13 23.38
N GLY B 108 6.90 1.17 24.21
CA GLY B 108 5.94 0.18 24.69
C GLY B 108 4.71 0.83 25.28
N SER B 109 4.90 1.76 26.22
CA SER B 109 3.76 2.38 26.88
C SER B 109 2.90 3.16 25.89
N LEU B 110 3.52 3.86 24.95
CA LEU B 110 2.75 4.59 23.95
C LEU B 110 1.94 3.64 23.09
N VAL B 111 2.54 2.52 22.67
CA VAL B 111 1.83 1.57 21.84
C VAL B 111 0.64 1.00 22.61
N GLU B 112 0.84 0.64 23.88
CA GLU B 112 -0.29 0.19 24.69
CA GLU B 112 -0.28 0.19 24.69
C GLU B 112 -1.38 1.24 24.74
N LYS B 113 -0.98 2.51 24.90
CA LYS B 113 -1.95 3.60 24.97
C LYS B 113 -2.74 3.72 23.67
N ILE B 114 -2.05 3.65 22.54
CA ILE B 114 -2.72 3.66 21.24
C ILE B 114 -3.68 2.48 21.12
N LYS B 115 -3.24 1.30 21.56
CA LYS B 115 -4.08 0.12 21.47
C LYS B 115 -5.36 0.29 22.27
N GLY B 116 -5.29 1.00 23.40
CA GLY B 116 -6.46 1.22 24.24
C GLY B 116 -7.47 2.16 23.65
N LEU B 117 -7.10 2.93 22.63
CA LEU B 117 -8.01 3.94 22.09
C LEU B 117 -9.18 3.27 21.39
N GLN B 118 -10.36 3.86 21.59
CA GLN B 118 -11.56 3.42 20.89
C GLN B 118 -11.40 3.53 19.38
N LYS B 119 -11.63 2.41 18.70
CA LYS B 119 -11.54 2.36 17.25
C LYS B 119 -12.77 1.66 16.68
NA NA C . -7.72 -11.62 -0.29
NA NA D . 2.17 -6.46 2.57
NA NA E . 7.28 12.44 2.83
NA NA F . -3.64 18.78 24.92
NA NA G . 12.23 -1.88 5.94
#